data_5GP0
#
_entry.id   5GP0
#
_cell.length_a   69.761
_cell.length_b   83.582
_cell.length_c   116.360
_cell.angle_alpha   90.00
_cell.angle_beta   90.00
_cell.angle_gamma   90.00
#
_symmetry.space_group_name_H-M   'P 2 21 21'
#
loop_
_entity.id
_entity.type
_entity.pdbx_description
1 polymer 'Nudix hydrolase 1'
2 non-polymer GLYCEROL
3 non-polymer 'GERANYL DIPHOSPHATE'
4 water water
#
_entity_poly.entity_id   1
_entity_poly.type   'polypeptide(L)'
_entity_poly.pdbx_seq_one_letter_code
;AHMSTGEAIPRVAVVVFILNGNSILLGRRRSSIGNSTFALPGGHLEFGESFEECAAREVMEETGLKIEKMKLLTVTNNVF
KEAPTPSHYVSVSIRAVLVDPSQEPKNMEPEKCEGWDWYDWENLPKPLFWPLEKLFGSGFNPFTHGGGD
;
_entity_poly.pdbx_strand_id   E,F,I,A
#
loop_
_chem_comp.id
_chem_comp.type
_chem_comp.name
_chem_comp.formula
GOL non-polymer GLYCEROL 'C3 H8 O3'
GPP non-polymer 'GERANYL DIPHOSPHATE' 'C10 H20 O7 P2'
#
# COMPACT_ATOMS: atom_id res chain seq x y z
N ALA A 8 27.15 -1.95 13.39
CA ALA A 8 26.06 -1.03 13.72
C ALA A 8 25.79 -0.06 12.57
N ILE A 9 24.56 -0.05 12.08
CA ILE A 9 24.17 0.87 11.00
C ILE A 9 22.86 1.51 11.37
N PRO A 10 22.53 2.64 10.76
CA PRO A 10 21.22 3.25 11.03
C PRO A 10 20.07 2.33 10.63
N ARG A 11 19.06 2.27 11.48
CA ARG A 11 17.86 1.46 11.26
C ARG A 11 16.65 2.38 11.14
N VAL A 12 15.65 1.96 10.37
CA VAL A 12 14.50 2.78 10.06
C VAL A 12 13.35 2.39 10.98
N ALA A 13 12.75 3.39 11.62
CA ALA A 13 11.55 3.20 12.41
C ALA A 13 10.46 4.09 11.86
N VAL A 14 9.22 3.72 12.17
CA VAL A 14 8.07 4.56 11.86
C VAL A 14 7.36 4.81 13.19
N VAL A 15 7.03 6.06 13.46
CA VAL A 15 6.27 6.41 14.67
C VAL A 15 5.01 7.14 14.22
N VAL A 16 3.95 6.99 15.01
CA VAL A 16 2.61 7.38 14.56
C VAL A 16 2.00 8.36 15.55
N PHE A 17 1.62 9.53 15.05
CA PHE A 17 0.79 10.49 15.77
C PHE A 17 -0.64 10.16 15.44
N ILE A 18 -1.32 9.45 16.34
CA ILE A 18 -2.74 9.18 16.21
C ILE A 18 -3.50 10.35 16.81
N LEU A 19 -4.17 11.11 15.95
CA LEU A 19 -4.84 12.34 16.34
C LEU A 19 -6.31 12.04 16.62
N ASN A 20 -6.77 12.44 17.80
CA ASN A 20 -8.14 12.17 18.23
C ASN A 20 -8.63 13.43 18.95
N GLY A 21 -9.46 14.21 18.26
CA GLY A 21 -9.84 15.50 18.82
C GLY A 21 -8.63 16.39 18.89
N ASN A 22 -8.34 16.89 20.09
CA ASN A 22 -7.13 17.66 20.35
C ASN A 22 -6.04 16.81 21.00
N SER A 23 -6.15 15.50 20.94
CA SER A 23 -5.27 14.62 21.71
C SER A 23 -4.43 13.73 20.80
N ILE A 24 -3.31 13.26 21.35
CA ILE A 24 -2.48 12.24 20.70
C ILE A 24 -2.34 11.07 21.67
N LEU A 25 -2.08 9.90 21.11
CA LEU A 25 -1.86 8.71 21.92
C LEU A 25 -0.40 8.62 22.33
N LEU A 26 -0.16 8.44 23.63
CA LEU A 26 1.18 8.23 24.17
C LEU A 26 1.14 7.10 25.19
N GLY A 27 2.28 6.45 25.38
CA GLY A 27 2.39 5.46 26.44
C GLY A 27 3.81 5.41 26.95
N ARG A 28 3.95 5.08 28.23
CA ARG A 28 5.26 5.07 28.85
C ARG A 28 6.05 3.83 28.44
N ARG A 29 7.28 4.05 28.01
CA ARG A 29 8.16 2.96 27.58
C ARG A 29 8.59 2.08 28.75
N ARG A 30 8.71 0.77 28.50
CA ARG A 30 9.50 -0.14 29.33
C ARG A 30 10.65 -0.58 28.42
N SER A 31 11.84 -0.04 28.68
CA SER A 31 12.95 -0.15 27.74
C SER A 31 14.23 0.32 28.39
N SER A 32 15.37 -0.15 27.87
CA SER A 32 16.64 0.36 28.33
C SER A 32 16.96 1.73 27.77
N ILE A 33 16.23 2.18 26.75
CA ILE A 33 16.33 3.54 26.23
C ILE A 33 15.05 4.28 26.60
N GLY A 34 15.19 5.40 27.30
CA GLY A 34 14.01 6.22 27.62
C GLY A 34 13.01 5.53 28.54
N ASN A 35 13.49 4.78 29.51
CA ASN A 35 12.57 4.03 30.37
C ASN A 35 11.61 4.97 31.08
N SER A 36 10.33 4.62 31.05
CA SER A 36 9.24 5.29 31.75
C SER A 36 8.89 6.65 31.16
N THR A 37 9.44 7.01 29.99
CA THR A 37 9.06 8.25 29.33
C THR A 37 7.90 8.00 28.35
N PHE A 38 7.14 9.06 28.09
CA PHE A 38 5.98 8.97 27.21
C PHE A 38 6.40 8.98 25.74
N ALA A 39 5.94 7.99 24.97
CA ALA A 39 6.37 7.84 23.59
C ALA A 39 5.18 7.50 22.71
N LEU A 40 5.41 7.56 21.39
CA LEU A 40 4.39 7.23 20.41
C LEU A 40 4.37 5.74 20.12
N PRO A 41 3.25 5.21 19.64
CA PRO A 41 3.29 3.86 19.07
C PRO A 41 4.10 3.88 17.79
N GLY A 42 4.79 2.77 17.53
CA GLY A 42 5.64 2.72 16.36
C GLY A 42 6.26 1.35 16.23
N GLY A 43 7.07 1.22 15.19
CA GLY A 43 7.71 -0.05 14.93
C GLY A 43 8.85 0.12 13.95
N HIS A 44 9.49 -0.99 13.62
CA HIS A 44 10.64 -1.00 12.72
C HIS A 44 10.17 -1.36 11.33
N LEU A 45 10.64 -0.62 10.33
CA LEU A 45 10.20 -0.87 8.96
C LEU A 45 10.79 -2.18 8.45
N GLU A 46 9.96 -3.02 7.84
CA GLU A 46 10.38 -4.32 7.34
C GLU A 46 10.70 -4.20 5.87
N PHE A 47 11.50 -5.13 5.39
CA PHE A 47 11.93 -5.10 3.99
C PHE A 47 10.72 -5.18 3.06
N GLY A 48 10.61 -4.20 2.16
CA GLY A 48 9.51 -4.16 1.20
C GLY A 48 8.26 -3.45 1.67
N GLU A 49 8.18 -3.09 2.94
CA GLU A 49 7.00 -2.44 3.53
C GLU A 49 6.99 -0.93 3.24
N SER A 50 5.80 -0.37 3.02
CA SER A 50 5.67 1.08 2.91
C SER A 50 5.60 1.70 4.30
N PHE A 51 5.83 3.02 4.36
CA PHE A 51 5.69 3.73 5.63
C PHE A 51 4.31 3.50 6.24
N GLU A 52 3.27 3.56 5.39
CA GLU A 52 1.90 3.46 5.90
C GLU A 52 1.57 2.03 6.33
N GLU A 53 2.07 1.04 5.60
CA GLU A 53 1.86 -0.34 6.03
C GLU A 53 2.52 -0.61 7.37
N CYS A 54 3.72 -0.07 7.58
CA CYS A 54 4.39 -0.21 8.86
C CYS A 54 3.63 0.51 9.98
N ALA A 55 3.18 1.75 9.71
CA ALA A 55 2.43 2.50 10.71
C ALA A 55 1.19 1.75 11.16
N ALA A 56 0.40 1.24 10.21
CA ALA A 56 -0.82 0.51 10.57
C ALA A 56 -0.48 -0.79 11.31
N ARG A 57 0.56 -1.50 10.87
CA ARG A 57 0.93 -2.76 11.49
C ARG A 57 1.41 -2.54 12.92
N GLU A 58 2.35 -1.61 13.10
CA GLU A 58 2.89 -1.36 14.43
C GLU A 58 1.80 -0.90 15.39
N VAL A 59 0.91 -0.01 14.92
CA VAL A 59 -0.14 0.47 15.80
C VAL A 59 -1.07 -0.68 16.19
N MET A 60 -1.39 -1.54 15.23
CA MET A 60 -2.21 -2.70 15.53
C MET A 60 -1.51 -3.63 16.53
N GLU A 61 -0.22 -3.92 16.29
CA GLU A 61 0.53 -4.83 17.15
C GLU A 61 0.59 -4.31 18.59
N GLU A 62 0.79 -3.00 18.75
CA GLU A 62 1.02 -2.45 20.09
C GLU A 62 -0.28 -2.08 20.80
N THR A 63 -1.29 -1.65 20.07
CA THR A 63 -2.48 -1.06 20.67
C THR A 63 -3.79 -1.71 20.26
N GLY A 64 -3.79 -2.55 19.23
CA GLY A 64 -5.03 -3.07 18.69
C GLY A 64 -5.87 -2.07 17.92
N LEU A 65 -5.42 -0.82 17.78
CA LEU A 65 -6.21 0.22 17.12
C LEU A 65 -6.09 0.12 15.60
N LYS A 66 -7.20 0.40 14.93
CA LYS A 66 -7.28 0.49 13.47
C LYS A 66 -7.23 1.95 13.06
N ILE A 67 -6.29 2.30 12.18
CA ILE A 67 -6.11 3.69 11.79
C ILE A 67 -6.29 3.85 10.29
N GLU A 68 -6.49 5.10 9.88
CA GLU A 68 -6.71 5.44 8.48
C GLU A 68 -6.20 6.86 8.22
N LYS A 69 -6.36 7.32 6.97
CA LYS A 69 -6.02 8.69 6.58
C LYS A 69 -4.57 9.04 6.95
N MET A 70 -3.68 8.10 6.72
CA MET A 70 -2.29 8.33 7.08
C MET A 70 -1.63 9.33 6.15
N LYS A 71 -0.69 10.09 6.71
CA LYS A 71 -0.01 11.15 6.00
C LYS A 71 1.42 11.25 6.54
N LEU A 72 2.39 11.35 5.62
CA LEU A 72 3.77 11.56 6.04
C LEU A 72 3.94 12.95 6.63
N LEU A 73 4.60 13.02 7.80
CA LEU A 73 4.86 14.30 8.45
C LEU A 73 6.31 14.74 8.28
N THR A 74 7.26 13.96 8.78
CA THR A 74 8.66 14.37 8.76
C THR A 74 9.52 13.15 9.05
N VAL A 75 10.83 13.37 9.14
CA VAL A 75 11.79 12.32 9.44
C VAL A 75 12.81 12.92 10.39
N THR A 76 13.23 12.14 11.39
CA THR A 76 14.18 12.64 12.37
C THR A 76 15.34 11.68 12.48
N ASN A 77 16.48 12.21 12.91
CA ASN A 77 17.69 11.42 13.09
C ASN A 77 17.92 11.28 14.60
N ASN A 78 17.88 10.03 15.09
CA ASN A 78 17.88 9.78 16.53
C ASN A 78 19.01 8.81 16.88
N VAL A 79 20.12 9.36 17.36
CA VAL A 79 21.30 8.58 17.77
C VAL A 79 21.27 8.39 19.28
N PHE A 80 21.46 7.16 19.74
CA PHE A 80 21.50 6.81 21.17
C PHE A 80 22.91 6.32 21.47
N LYS A 81 23.81 7.26 21.71
CA LYS A 81 25.22 6.91 21.91
C LYS A 81 25.42 6.17 23.22
N GLU A 82 24.82 6.67 24.29
CA GLU A 82 25.04 6.14 25.64
C GLU A 82 24.15 4.94 25.97
N ALA A 83 23.52 4.32 24.98
CA ALA A 83 22.65 3.19 25.25
C ALA A 83 23.47 1.98 25.70
N PRO A 84 22.85 1.04 26.43
CA PRO A 84 23.55 -0.22 26.71
C PRO A 84 24.12 -0.87 25.47
N THR A 85 23.37 -0.87 24.38
CA THR A 85 23.90 -1.15 23.06
C THR A 85 23.63 0.08 22.19
N PRO A 86 24.66 0.87 21.86
CA PRO A 86 24.43 2.09 21.08
C PRO A 86 23.72 1.78 19.77
N SER A 87 22.74 2.61 19.45
CA SER A 87 21.89 2.39 18.29
C SER A 87 21.63 3.73 17.60
N HIS A 88 21.16 3.65 16.37
CA HIS A 88 20.94 4.85 15.56
C HIS A 88 19.67 4.59 14.76
N TYR A 89 18.63 5.37 15.02
CA TYR A 89 17.36 5.22 14.32
C TYR A 89 17.07 6.44 13.44
N VAL A 90 16.57 6.18 12.26
CA VAL A 90 15.99 7.21 11.41
C VAL A 90 14.49 6.98 11.45
N SER A 91 13.76 7.94 12.00
CA SER A 91 12.37 7.74 12.36
C SER A 91 11.46 8.55 11.44
N VAL A 92 10.56 7.87 10.75
CA VAL A 92 9.57 8.49 9.88
C VAL A 92 8.29 8.69 10.68
N SER A 93 7.84 9.95 10.77
N SER A 93 7.82 9.93 10.76
CA SER A 93 6.62 10.28 11.51
CA SER A 93 6.62 10.25 11.53
C SER A 93 5.42 10.23 10.57
C SER A 93 5.41 10.29 10.61
N ILE A 94 4.36 9.57 11.02
CA ILE A 94 3.13 9.44 10.25
C ILE A 94 1.99 9.95 11.12
N ARG A 95 1.11 10.76 10.53
CA ARG A 95 -0.15 11.15 11.16
C ARG A 95 -1.25 10.19 10.72
N ALA A 96 -2.18 9.90 11.63
CA ALA A 96 -3.32 9.06 11.29
C ALA A 96 -4.48 9.38 12.23
N VAL A 97 -5.67 8.88 11.88
CA VAL A 97 -6.83 8.99 12.75
C VAL A 97 -7.45 7.61 12.90
N LEU A 98 -8.35 7.48 13.86
CA LEU A 98 -9.01 6.20 14.10
C LEU A 98 -10.07 5.92 13.04
N VAL A 99 -10.18 4.65 12.63
CA VAL A 99 -11.32 4.25 11.82
C VAL A 99 -12.61 4.38 12.61
N ASP A 100 -12.60 3.92 13.86
CA ASP A 100 -13.72 4.07 14.79
C ASP A 100 -13.30 5.00 15.91
N PRO A 101 -13.77 6.26 15.92
CA PRO A 101 -13.31 7.22 16.93
C PRO A 101 -13.51 6.78 18.37
N SER A 102 -14.40 5.83 18.63
CA SER A 102 -14.66 5.36 19.99
C SER A 102 -13.77 4.18 20.40
N GLN A 103 -12.90 3.70 19.52
CA GLN A 103 -12.10 2.53 19.88
C GLN A 103 -11.06 2.93 20.92
N GLU A 104 -10.93 2.12 21.95
CA GLU A 104 -9.93 2.46 22.95
C GLU A 104 -8.74 1.52 22.83
N PRO A 105 -7.54 2.02 23.14
CA PRO A 105 -6.34 1.18 23.01
C PRO A 105 -6.30 0.08 24.06
N LYS A 106 -5.56 -0.96 23.72
CA LYS A 106 -5.23 -2.01 24.66
C LYS A 106 -3.72 -2.11 24.74
N ASN A 107 -3.22 -2.56 25.89
CA ASN A 107 -1.77 -2.69 26.06
C ASN A 107 -1.36 -4.10 25.61
N MET A 108 -1.13 -4.22 24.30
CA MET A 108 -0.92 -5.53 23.71
C MET A 108 0.48 -6.07 23.96
N GLU A 109 1.44 -5.20 24.25
CA GLU A 109 2.82 -5.60 24.51
C GLU A 109 3.27 -4.99 25.83
N PRO A 110 2.80 -5.54 26.96
CA PRO A 110 3.12 -4.92 28.26
C PRO A 110 4.58 -5.01 28.64
N GLU A 111 5.37 -5.88 27.98
CA GLU A 111 6.81 -5.89 28.21
C GLU A 111 7.50 -4.66 27.64
N LYS A 112 6.84 -3.94 26.73
CA LYS A 112 7.42 -2.77 26.07
C LYS A 112 6.81 -1.45 26.52
N CYS A 113 5.67 -1.48 27.22
CA CYS A 113 4.89 -0.27 27.44
C CYS A 113 3.98 -0.48 28.64
N GLU A 114 3.79 0.59 29.44
CA GLU A 114 2.92 0.52 30.60
C GLU A 114 1.45 0.57 30.24
N GLY A 115 1.12 1.17 29.11
CA GLY A 115 -0.26 1.37 28.70
C GLY A 115 -0.34 2.61 27.84
N TRP A 116 -1.42 2.69 27.07
CA TRP A 116 -1.65 3.80 26.16
C TRP A 116 -2.82 4.66 26.63
N ASP A 117 -2.72 5.97 26.40
CA ASP A 117 -3.80 6.87 26.82
C ASP A 117 -3.72 8.09 25.92
N TRP A 118 -4.81 8.87 25.92
CA TRP A 118 -4.91 10.07 25.11
C TRP A 118 -4.50 11.30 25.93
N TYR A 119 -3.64 12.13 25.37
CA TYR A 119 -3.16 13.33 26.04
C TYR A 119 -3.43 14.56 25.18
N ASP A 120 -3.95 15.61 25.82
CA ASP A 120 -4.29 16.84 25.11
C ASP A 120 -3.04 17.58 24.65
N TRP A 121 -3.08 18.12 23.42
CA TRP A 121 -1.95 18.87 22.88
C TRP A 121 -1.53 20.01 23.79
N GLU A 122 -2.49 20.63 24.49
CA GLU A 122 -2.17 21.74 25.38
C GLU A 122 -1.90 21.31 26.82
N ASN A 123 -1.88 20.01 27.10
CA ASN A 123 -1.56 19.54 28.45
C ASN A 123 -0.80 18.22 28.34
N LEU A 124 0.31 18.24 27.59
CA LEU A 124 1.06 17.01 27.40
C LEU A 124 1.77 16.61 28.69
N PRO A 125 1.96 15.32 28.92
CA PRO A 125 2.60 14.88 30.17
C PRO A 125 4.12 14.98 30.08
N LYS A 126 4.76 14.71 31.22
N LYS A 126 4.76 14.71 31.21
CA LYS A 126 6.21 14.68 31.32
CA LYS A 126 6.21 14.65 31.28
C LYS A 126 6.63 13.48 32.17
C LYS A 126 6.65 13.49 32.17
N PRO A 127 7.82 12.91 31.90
CA PRO A 127 8.75 13.29 30.83
C PRO A 127 8.40 12.65 29.49
N LEU A 128 8.49 13.44 28.43
CA LEU A 128 8.40 12.89 27.08
C LEU A 128 9.71 12.20 26.73
N PHE A 129 9.60 11.09 26.01
CA PHE A 129 10.77 10.44 25.41
C PHE A 129 11.58 11.49 24.64
N TRP A 130 12.91 11.51 24.87
CA TRP A 130 13.69 12.65 24.38
C TRP A 130 13.53 12.91 22.89
N PRO A 131 13.58 11.91 22.00
CA PRO A 131 13.35 12.22 20.57
C PRO A 131 12.07 12.99 20.32
N LEU A 132 11.01 12.68 21.07
CA LEU A 132 9.74 13.38 20.90
C LEU A 132 9.80 14.77 21.52
N GLU A 133 10.38 14.88 22.71
CA GLU A 133 10.53 16.19 23.32
C GLU A 133 11.34 17.11 22.43
N LYS A 134 12.43 16.58 21.86
CA LYS A 134 13.31 17.38 21.01
C LYS A 134 12.58 17.87 19.75
N LEU A 135 11.81 16.97 19.12
CA LEU A 135 11.03 17.33 17.94
C LEU A 135 10.02 18.43 18.26
N PHE A 136 9.25 18.27 19.35
CA PHE A 136 8.30 19.30 19.73
C PHE A 136 8.99 20.62 20.02
N GLY A 137 10.18 20.58 20.62
CA GLY A 137 10.91 21.80 20.94
C GLY A 137 11.30 22.58 19.71
N SER A 138 11.40 21.90 18.57
CA SER A 138 11.69 22.57 17.30
C SER A 138 10.49 23.30 16.73
N GLY A 139 9.32 23.21 17.36
CA GLY A 139 8.10 23.81 16.86
C GLY A 139 7.20 22.87 16.11
N PHE A 140 7.58 21.61 15.97
CA PHE A 140 6.78 20.64 15.22
C PHE A 140 5.42 20.43 15.88
N ASN A 141 4.38 20.45 15.06
CA ASN A 141 3.02 20.26 15.52
C ASN A 141 2.35 19.25 14.57
N PRO A 142 1.97 18.07 15.06
CA PRO A 142 1.45 17.04 14.14
C PRO A 142 0.08 17.37 13.60
N PHE A 143 -0.66 18.29 14.26
CA PHE A 143 -1.99 18.64 13.81
C PHE A 143 -1.97 19.57 12.62
N THR A 144 -0.90 20.34 12.45
CA THR A 144 -0.98 21.44 11.52
C THR A 144 -0.04 21.17 10.34
N ALA B 8 17.93 -9.14 4.61
CA ALA B 8 17.88 -7.82 3.98
C ALA B 8 16.93 -6.89 4.73
N ILE B 9 17.41 -5.69 5.04
CA ILE B 9 16.63 -4.72 5.82
C ILE B 9 16.71 -3.37 5.12
N PRO B 10 15.75 -2.48 5.37
CA PRO B 10 15.84 -1.14 4.77
C PRO B 10 17.06 -0.39 5.29
N ARG B 11 17.73 0.31 4.38
CA ARG B 11 18.93 1.07 4.69
C ARG B 11 18.71 2.53 4.30
N VAL B 12 19.39 3.43 4.99
CA VAL B 12 19.15 4.87 4.86
C VAL B 12 20.16 5.46 3.88
N ALA B 13 19.65 6.18 2.88
CA ALA B 13 20.46 6.98 2.00
C ALA B 13 20.12 8.44 2.20
N VAL B 14 21.04 9.31 1.81
CA VAL B 14 20.78 10.74 1.73
C VAL B 14 21.05 11.15 0.30
N VAL B 15 20.12 11.91 -0.29
CA VAL B 15 20.30 12.43 -1.64
C VAL B 15 20.19 13.94 -1.59
N VAL B 16 20.93 14.62 -2.47
CA VAL B 16 21.15 16.05 -2.31
C VAL B 16 20.72 16.78 -3.57
N PHE B 17 19.80 17.72 -3.40
CA PHE B 17 19.46 18.70 -4.43
C PHE B 17 20.39 19.90 -4.23
N ILE B 18 21.39 20.05 -5.10
CA ILE B 18 22.27 21.21 -5.05
C ILE B 18 21.67 22.26 -5.97
N LEU B 19 21.21 23.35 -5.40
CA LEU B 19 20.49 24.38 -6.12
C LEU B 19 21.46 25.45 -6.55
N ASN B 20 21.55 25.70 -7.85
CA ASN B 20 22.51 26.63 -8.42
C ASN B 20 21.75 27.45 -9.46
N GLY B 21 21.37 28.67 -9.09
CA GLY B 21 20.50 29.42 -9.98
C GLY B 21 19.15 28.72 -10.11
N ASN B 22 18.78 28.36 -11.34
CA ASN B 22 17.57 27.58 -11.58
C ASN B 22 17.88 26.12 -11.86
N SER B 23 19.08 25.65 -11.51
CA SER B 23 19.53 24.33 -11.92
C SER B 23 19.80 23.44 -10.71
N ILE B 24 19.77 22.14 -10.96
CA ILE B 24 20.21 21.12 -10.01
C ILE B 24 21.29 20.28 -10.66
N LEU B 25 22.09 19.62 -9.83
CA LEU B 25 23.15 18.73 -10.32
C LEU B 25 22.62 17.31 -10.52
N LEU B 26 22.87 16.73 -11.70
CA LEU B 26 22.48 15.35 -11.98
C LEU B 26 23.59 14.65 -12.77
N GLY B 27 23.60 13.34 -12.69
CA GLY B 27 24.55 12.56 -13.45
C GLY B 27 24.02 11.17 -13.71
N ARG B 28 24.38 10.62 -14.87
CA ARG B 28 23.87 9.29 -15.20
C ARG B 28 24.58 8.23 -14.37
N ARG B 29 23.80 7.37 -13.74
CA ARG B 29 24.35 6.29 -12.92
C ARG B 29 25.09 5.25 -13.74
N ARG B 30 26.17 4.74 -13.18
CA ARG B 30 26.77 3.47 -13.61
C ARG B 30 26.53 2.53 -12.44
N SER B 31 25.47 1.74 -12.53
CA SER B 31 25.00 0.98 -11.37
C SER B 31 24.17 -0.20 -11.84
N SER B 32 24.04 -1.21 -10.95
CA SER B 32 23.14 -2.30 -11.25
C SER B 32 21.67 -1.90 -11.10
N ILE B 33 21.40 -0.79 -10.42
CA ILE B 33 20.06 -0.26 -10.24
C ILE B 33 19.98 1.10 -10.94
N GLY B 34 19.02 1.24 -11.85
CA GLY B 34 18.86 2.49 -12.58
C GLY B 34 20.04 2.86 -13.45
N ASN B 35 20.73 1.88 -14.02
CA ASN B 35 21.87 2.18 -14.89
C ASN B 35 21.47 3.16 -15.97
N SER B 36 22.36 4.13 -16.22
CA SER B 36 22.27 5.14 -17.28
C SER B 36 21.19 6.18 -17.06
N THR B 37 20.48 6.18 -15.91
CA THR B 37 19.49 7.21 -15.66
C THR B 37 20.08 8.36 -14.84
N PHE B 38 19.53 9.55 -15.04
CA PHE B 38 20.03 10.75 -14.37
C PHE B 38 19.58 10.78 -12.92
N ALA B 39 20.55 10.94 -12.00
CA ALA B 39 20.24 10.86 -10.58
C ALA B 39 21.03 11.92 -9.81
N LEU B 40 20.63 12.13 -8.57
CA LEU B 40 21.27 13.09 -7.69
C LEU B 40 22.51 12.52 -7.05
N PRO B 41 23.44 13.38 -6.63
CA PRO B 41 24.53 12.91 -5.79
C PRO B 41 23.95 12.49 -4.44
N GLY B 42 24.61 11.53 -3.80
CA GLY B 42 24.08 11.05 -2.53
C GLY B 42 25.00 10.03 -1.93
N GLY B 43 24.58 9.52 -0.76
CA GLY B 43 25.40 8.54 -0.07
C GLY B 43 24.58 7.76 0.93
N HIS B 44 25.26 6.82 1.59
CA HIS B 44 24.65 6.01 2.66
C HIS B 44 24.95 6.65 4.02
N LEU B 45 23.93 6.76 4.85
CA LEU B 45 24.12 7.33 6.18
C LEU B 45 24.97 6.39 7.02
N GLU B 46 26.03 6.94 7.64
CA GLU B 46 26.88 6.18 8.53
C GLU B 46 26.38 6.27 9.98
N PHE B 47 26.73 5.26 10.76
CA PHE B 47 26.31 5.26 12.17
C PHE B 47 26.76 6.54 12.87
N GLY B 48 25.83 7.19 13.56
CA GLY B 48 26.10 8.41 14.28
C GLY B 48 26.14 9.66 13.45
N GLU B 49 26.01 9.56 12.13
CA GLU B 49 26.11 10.70 11.23
C GLU B 49 24.78 11.43 11.15
N SER B 50 24.84 12.76 11.03
CA SER B 50 23.64 13.55 10.79
C SER B 50 23.30 13.56 9.31
N PHE B 51 22.05 13.92 8.99
CA PHE B 51 21.64 14.03 7.59
C PHE B 51 22.51 15.04 6.85
N GLU B 52 22.76 16.19 7.49
CA GLU B 52 23.54 17.25 6.87
C GLU B 52 24.98 16.83 6.67
N GLU B 53 25.57 16.15 7.66
CA GLU B 53 26.95 15.67 7.52
C GLU B 53 27.07 14.68 6.37
N CYS B 54 26.12 13.76 6.26
CA CYS B 54 26.14 12.78 5.18
C CYS B 54 26.00 13.48 3.83
N ALA B 55 25.10 14.46 3.73
CA ALA B 55 24.91 15.16 2.46
C ALA B 55 26.20 15.83 2.00
N ALA B 56 26.83 16.61 2.88
CA ALA B 56 28.06 17.30 2.52
C ALA B 56 29.19 16.31 2.21
N ARG B 57 29.28 15.23 2.97
CA ARG B 57 30.33 14.23 2.73
C ARG B 57 30.11 13.50 1.41
N GLU B 58 28.87 13.08 1.14
CA GLU B 58 28.60 12.34 -0.09
C GLU B 58 28.86 13.21 -1.31
N VAL B 59 28.44 14.47 -1.25
CA VAL B 59 28.68 15.39 -2.37
C VAL B 59 30.17 15.61 -2.55
N MET B 60 30.90 15.78 -1.45
N MET B 60 30.91 15.77 -1.45
CA MET B 60 32.35 15.90 -1.55
CA MET B 60 32.36 15.91 -1.56
C MET B 60 32.96 14.68 -2.22
C MET B 60 32.98 14.69 -2.21
N GLU B 61 32.61 13.49 -1.73
CA GLU B 61 33.19 12.26 -2.25
C GLU B 61 32.88 12.05 -3.73
N GLU B 62 31.66 12.38 -4.16
CA GLU B 62 31.27 12.08 -5.54
C GLU B 62 31.62 13.19 -6.52
N THR B 63 31.60 14.46 -6.08
CA THR B 63 31.70 15.59 -7.00
C THR B 63 32.83 16.56 -6.68
N GLY B 64 33.41 16.49 -5.48
CA GLY B 64 34.35 17.50 -5.02
C GLY B 64 33.75 18.83 -4.63
N LEU B 65 32.45 19.01 -4.85
CA LEU B 65 31.81 20.28 -4.55
C LEU B 65 31.67 20.50 -3.04
N LYS B 66 31.88 21.75 -2.62
CA LYS B 66 31.64 22.17 -1.25
C LYS B 66 30.24 22.79 -1.15
N ILE B 67 29.41 22.24 -0.27
CA ILE B 67 28.05 22.73 -0.13
C ILE B 67 27.82 23.20 1.31
N GLU B 68 26.75 23.98 1.47
CA GLU B 68 26.40 24.61 2.73
C GLU B 68 24.90 24.85 2.78
N LYS B 69 24.42 25.30 3.94
CA LYS B 69 23.01 25.63 4.16
C LYS B 69 22.10 24.44 3.88
N MET B 70 22.55 23.25 4.31
CA MET B 70 21.78 22.04 4.12
C MET B 70 20.44 22.14 4.84
N LYS B 71 19.36 21.76 4.16
CA LYS B 71 18.05 21.75 4.80
C LYS B 71 17.28 20.51 4.40
N LEU B 72 16.56 19.93 5.38
CA LEU B 72 15.76 18.74 5.13
C LEU B 72 14.56 19.08 4.25
N LEU B 73 14.36 18.29 3.19
CA LEU B 73 13.22 18.45 2.31
C LEU B 73 12.13 17.41 2.60
N THR B 74 12.43 16.14 2.38
CA THR B 74 11.43 15.10 2.58
C THR B 74 12.13 13.74 2.70
N VAL B 75 11.33 12.66 2.76
CA VAL B 75 11.83 11.29 2.85
C VAL B 75 10.99 10.43 1.93
N THR B 76 11.64 9.51 1.21
CA THR B 76 10.95 8.63 0.29
C THR B 76 11.31 7.18 0.60
N ASN B 77 10.44 6.27 0.18
CA ASN B 77 10.59 4.84 0.39
C ASN B 77 10.81 4.19 -0.96
N ASN B 78 11.98 3.60 -1.16
CA ASN B 78 12.39 3.15 -2.50
C ASN B 78 12.79 1.68 -2.43
N VAL B 79 11.90 0.80 -2.90
CA VAL B 79 12.13 -0.63 -2.83
C VAL B 79 12.50 -1.15 -4.22
N PHE B 80 13.56 -1.95 -4.27
CA PHE B 80 14.04 -2.58 -5.49
C PHE B 80 14.04 -4.09 -5.28
N LYS B 81 12.84 -4.68 -5.26
CA LYS B 81 12.72 -6.11 -4.95
C LYS B 81 13.29 -6.96 -6.07
N GLU B 82 13.06 -6.55 -7.32
CA GLU B 82 13.49 -7.32 -8.48
C GLU B 82 14.91 -6.99 -8.93
N ALA B 83 15.69 -6.31 -8.08
CA ALA B 83 17.07 -6.04 -8.38
C ALA B 83 17.89 -7.33 -8.30
N PRO B 84 19.06 -7.37 -8.95
CA PRO B 84 19.93 -8.56 -8.80
C PRO B 84 20.21 -8.87 -7.34
N THR B 85 20.40 -7.84 -6.53
CA THR B 85 20.39 -7.96 -5.08
C THR B 85 19.20 -7.15 -4.56
N PRO B 86 18.15 -7.78 -4.06
CA PRO B 86 17.01 -7.02 -3.55
C PRO B 86 17.47 -5.99 -2.52
N SER B 87 17.02 -4.74 -2.73
CA SER B 87 17.45 -3.60 -1.93
C SER B 87 16.24 -2.77 -1.55
N HIS B 88 16.30 -2.16 -0.37
CA HIS B 88 15.24 -1.27 0.12
C HIS B 88 15.93 -0.06 0.75
N TYR B 89 15.71 1.11 0.16
CA TYR B 89 16.29 2.34 0.68
C TYR B 89 15.21 3.28 1.17
N VAL B 90 15.46 3.88 2.32
CA VAL B 90 14.71 5.03 2.82
C VAL B 90 15.60 6.24 2.61
N SER B 91 15.16 7.16 1.76
CA SER B 91 16.04 8.18 1.21
C SER B 91 15.61 9.55 1.73
N VAL B 92 16.51 10.21 2.44
CA VAL B 92 16.28 11.55 2.97
C VAL B 92 16.81 12.55 1.96
N SER B 93 15.94 13.44 1.48
N SER B 93 15.96 13.45 1.48
CA SER B 93 16.31 14.48 0.52
CA SER B 93 16.36 14.45 0.50
C SER B 93 16.75 15.73 1.27
C SER B 93 16.73 15.74 1.21
N ILE B 94 17.90 16.28 0.85
CA ILE B 94 18.48 17.47 1.45
C ILE B 94 18.67 18.51 0.36
N ARG B 95 18.31 19.77 0.65
CA ARG B 95 18.61 20.91 -0.21
C ARG B 95 19.91 21.56 0.24
N ALA B 96 20.73 22.04 -0.71
CA ALA B 96 21.96 22.72 -0.33
C ALA B 96 22.37 23.66 -1.46
N VAL B 97 23.32 24.56 -1.17
CA VAL B 97 23.85 25.44 -2.21
C VAL B 97 25.38 25.36 -2.17
N LEU B 98 25.99 25.85 -3.24
CA LEU B 98 27.45 25.91 -3.30
C LEU B 98 27.99 27.00 -2.38
N VAL B 99 29.06 26.66 -1.64
CA VAL B 99 29.81 27.69 -0.91
C VAL B 99 30.46 28.65 -1.89
N ASP B 100 30.98 28.13 -3.00
CA ASP B 100 31.54 28.96 -4.07
C ASP B 100 30.76 28.69 -5.34
N PRO B 101 29.87 29.61 -5.74
CA PRO B 101 29.00 29.35 -6.91
C PRO B 101 29.76 29.17 -8.23
N SER B 102 31.05 29.49 -8.29
CA SER B 102 31.82 29.26 -9.51
C SER B 102 32.48 27.89 -9.55
N GLN B 103 32.38 27.10 -8.47
CA GLN B 103 33.06 25.81 -8.44
C GLN B 103 32.42 24.84 -9.43
N GLU B 104 33.28 24.11 -10.15
CA GLU B 104 32.73 23.16 -11.10
C GLU B 104 32.84 21.74 -10.58
N PRO B 105 31.86 20.89 -10.87
CA PRO B 105 31.92 19.51 -10.40
C PRO B 105 33.00 18.70 -11.11
N LYS B 106 33.50 17.70 -10.40
CA LYS B 106 34.38 16.67 -10.95
C LYS B 106 33.69 15.32 -10.82
N ASN B 107 34.08 14.37 -11.67
CA ASN B 107 33.53 13.01 -11.60
C ASN B 107 34.48 12.21 -10.72
N MET B 108 34.31 12.35 -9.39
CA MET B 108 35.31 11.86 -8.46
C MET B 108 35.20 10.37 -8.19
N GLU B 109 34.04 9.76 -8.48
CA GLU B 109 33.87 8.31 -8.43
C GLU B 109 33.40 7.89 -9.81
N PRO B 110 34.30 7.91 -10.80
CA PRO B 110 33.88 7.73 -12.19
C PRO B 110 33.41 6.33 -12.51
N GLU B 111 33.60 5.36 -11.61
CA GLU B 111 33.03 4.03 -11.82
C GLU B 111 31.55 3.98 -11.43
N LYS B 112 31.03 4.97 -10.71
CA LYS B 112 29.63 4.99 -10.30
C LYS B 112 28.79 6.00 -11.06
N CYS B 113 29.40 6.88 -11.86
CA CYS B 113 28.66 7.93 -12.53
C CYS B 113 29.40 8.29 -13.81
N GLU B 114 28.63 8.59 -14.87
CA GLU B 114 29.21 8.98 -16.15
C GLU B 114 29.74 10.41 -16.16
N GLY B 115 29.29 11.23 -15.21
CA GLY B 115 29.72 12.61 -15.05
C GLY B 115 28.55 13.45 -14.52
N TRP B 116 28.88 14.55 -13.88
CA TRP B 116 27.91 15.44 -13.26
C TRP B 116 27.80 16.74 -14.04
N ASP B 117 26.57 17.17 -14.31
CA ASP B 117 26.38 18.51 -14.89
C ASP B 117 25.13 19.15 -14.32
N TRP B 118 24.96 20.43 -14.64
CA TRP B 118 23.84 21.23 -14.15
C TRP B 118 22.69 21.18 -15.14
N TYR B 119 21.47 21.01 -14.63
CA TYR B 119 20.30 20.98 -15.49
C TYR B 119 19.25 21.96 -15.00
N ASP B 120 18.68 22.73 -15.92
CA ASP B 120 17.66 23.69 -15.54
C ASP B 120 16.39 22.97 -15.11
N TRP B 121 15.74 23.51 -14.06
CA TRP B 121 14.51 22.95 -13.53
C TRP B 121 13.46 22.76 -14.62
N GLU B 122 13.43 23.67 -15.59
CA GLU B 122 12.45 23.61 -16.67
C GLU B 122 12.97 22.91 -17.91
N ASN B 123 14.14 22.28 -17.85
CA ASN B 123 14.63 21.48 -18.97
C ASN B 123 15.40 20.28 -18.42
N LEU B 124 14.72 19.51 -17.56
CA LEU B 124 15.37 18.36 -16.95
C LEU B 124 15.65 17.29 -18.00
N PRO B 125 16.71 16.50 -17.80
CA PRO B 125 17.05 15.45 -18.77
C PRO B 125 16.19 14.21 -18.60
N LYS B 126 16.22 13.38 -19.64
CA LYS B 126 15.58 12.07 -19.60
C LYS B 126 16.57 11.02 -20.06
N PRO B 127 16.49 9.79 -19.49
CA PRO B 127 15.56 9.34 -18.45
C PRO B 127 16.01 9.68 -17.04
N LEU B 128 15.10 10.14 -16.19
CA LEU B 128 15.43 10.31 -14.79
C LEU B 128 15.38 8.97 -14.07
N PHE B 129 16.28 8.80 -13.10
CA PHE B 129 16.21 7.68 -12.16
C PHE B 129 14.80 7.60 -11.59
N TRP B 130 14.22 6.40 -11.60
CA TRP B 130 12.81 6.25 -11.26
C TRP B 130 12.42 6.87 -9.91
N PRO B 131 13.17 6.67 -8.81
CA PRO B 131 12.79 7.36 -7.55
C PRO B 131 12.70 8.86 -7.70
N LEU B 132 13.53 9.46 -8.55
CA LEU B 132 13.46 10.89 -8.76
C LEU B 132 12.26 11.28 -9.61
N GLU B 133 11.97 10.50 -10.65
CA GLU B 133 10.79 10.74 -11.48
C GLU B 133 9.51 10.58 -10.65
N LYS B 134 9.46 9.56 -9.80
CA LYS B 134 8.30 9.35 -8.94
C LYS B 134 8.09 10.54 -8.01
N LEU B 135 9.18 10.99 -7.37
CA LEU B 135 9.08 12.13 -6.46
C LEU B 135 8.65 13.40 -7.19
N PHE B 136 9.22 13.66 -8.37
CA PHE B 136 8.80 14.85 -9.09
C PHE B 136 7.35 14.74 -9.53
N GLY B 137 6.90 13.53 -9.85
CA GLY B 137 5.54 13.32 -10.29
C GLY B 137 4.50 13.68 -9.24
N SER B 138 4.92 13.72 -7.97
CA SER B 138 4.02 14.10 -6.88
C SER B 138 3.88 15.61 -6.72
N GLY B 139 4.57 16.39 -7.55
CA GLY B 139 4.58 17.84 -7.43
C GLY B 139 5.76 18.40 -6.67
N PHE B 140 6.64 17.55 -6.17
CA PHE B 140 7.76 18.02 -5.36
C PHE B 140 8.64 18.98 -6.16
N ASN B 141 9.00 20.10 -5.54
CA ASN B 141 9.88 21.09 -6.14
C ASN B 141 10.91 21.44 -5.07
N PRO B 142 12.20 21.13 -5.29
CA PRO B 142 13.20 21.37 -4.23
C PRO B 142 13.51 22.83 -4.00
N PHE B 143 13.18 23.73 -4.94
CA PHE B 143 13.49 25.14 -4.75
C PHE B 143 12.51 25.81 -3.80
N THR B 144 11.27 25.33 -3.75
CA THR B 144 10.21 26.01 -3.01
C THR B 144 9.59 25.17 -1.91
N HIS B 145 9.87 23.88 -1.86
CA HIS B 145 9.35 22.99 -0.82
C HIS B 145 9.63 23.53 0.59
N ALA C 8 1.05 -20.37 1.90
CA ALA C 8 -0.31 -19.86 1.82
C ALA C 8 -0.47 -18.95 0.61
N ILE C 9 -1.66 -18.98 0.03
CA ILE C 9 -1.99 -18.17 -1.15
C ILE C 9 -3.33 -17.50 -0.89
N PRO C 10 -3.64 -16.41 -1.60
CA PRO C 10 -4.96 -15.78 -1.41
C PRO C 10 -6.06 -16.74 -1.81
N ARG C 11 -7.13 -16.76 -1.01
CA ARG C 11 -8.27 -17.64 -1.21
C ARG C 11 -9.53 -16.79 -1.43
N VAL C 12 -10.45 -17.31 -2.25
CA VAL C 12 -11.65 -16.55 -2.62
C VAL C 12 -12.80 -16.92 -1.71
N ALA C 13 -13.44 -15.92 -1.13
CA ALA C 13 -14.66 -16.12 -0.36
C ALA C 13 -15.76 -15.29 -0.98
N VAL C 14 -17.00 -15.69 -0.70
CA VAL C 14 -18.19 -14.92 -1.06
C VAL C 14 -18.93 -14.62 0.23
N VAL C 15 -19.33 -13.36 0.39
CA VAL C 15 -20.09 -12.92 1.55
C VAL C 15 -21.36 -12.27 1.05
N VAL C 16 -22.45 -12.41 1.82
CA VAL C 16 -23.77 -12.09 1.31
C VAL C 16 -24.44 -11.06 2.20
N PHE C 17 -24.86 -9.94 1.58
CA PHE C 17 -25.74 -8.96 2.19
C PHE C 17 -27.18 -9.34 1.84
N ILE C 18 -27.88 -9.95 2.79
CA ILE C 18 -29.28 -10.31 2.61
C ILE C 18 -30.09 -9.11 3.08
N LEU C 19 -30.74 -8.41 2.14
CA LEU C 19 -31.47 -7.18 2.45
C LEU C 19 -32.92 -7.53 2.74
N ASN C 20 -33.41 -7.12 3.91
CA ASN C 20 -34.75 -7.45 4.36
C ASN C 20 -35.32 -6.19 4.98
N GLY C 21 -36.19 -5.49 4.25
CA GLY C 21 -36.64 -4.20 4.75
C GLY C 21 -35.45 -3.27 4.83
N ASN C 22 -35.23 -2.66 5.99
CA ASN C 22 -34.03 -1.85 6.18
C ASN C 22 -32.91 -2.60 6.89
N SER C 23 -32.96 -3.93 6.91
CA SER C 23 -32.06 -4.70 7.76
C SER C 23 -31.17 -5.60 6.92
N ILE C 24 -30.04 -6.01 7.52
CA ILE C 24 -29.19 -7.05 6.96
C ILE C 24 -29.01 -8.14 8.00
N LEU C 25 -28.65 -9.33 7.53
CA LEU C 25 -28.40 -10.46 8.42
C LEU C 25 -26.95 -10.46 8.88
N LEU C 26 -26.76 -10.57 10.20
CA LEU C 26 -25.43 -10.69 10.78
C LEU C 26 -25.43 -11.74 11.87
N GLY C 27 -24.24 -12.26 12.17
CA GLY C 27 -24.10 -13.17 13.31
C GLY C 27 -22.68 -13.14 13.84
N ARG C 28 -22.54 -13.40 15.15
CA ARG C 28 -21.22 -13.34 15.76
C ARG C 28 -20.42 -14.57 15.39
N ARG C 29 -19.20 -14.35 14.93
CA ARG C 29 -18.31 -15.43 14.55
C ARG C 29 -17.83 -16.23 15.75
N ARG C 30 -17.64 -17.53 15.52
N ARG C 30 -17.64 -17.53 15.52
CA ARG C 30 -16.87 -18.41 16.39
CA ARG C 30 -16.87 -18.39 16.40
C ARG C 30 -15.68 -18.83 15.54
C ARG C 30 -15.67 -18.83 15.55
N SER C 31 -14.53 -18.18 15.76
CA SER C 31 -13.41 -18.35 14.84
C SER C 31 -12.12 -17.88 15.51
N SER C 32 -11.00 -18.40 15.00
CA SER C 32 -9.71 -17.84 15.36
C SER C 32 -9.52 -16.42 14.86
N ILE C 33 -10.26 -16.02 13.82
CA ILE C 33 -10.17 -14.69 13.25
C ILE C 33 -11.47 -13.96 13.55
N GLY C 34 -11.38 -12.81 14.20
CA GLY C 34 -12.57 -12.00 14.43
C GLY C 34 -13.55 -12.66 15.38
N ASN C 35 -13.05 -13.41 16.36
CA ASN C 35 -13.96 -14.12 17.26
C ASN C 35 -14.93 -13.16 17.94
N SER C 36 -16.21 -13.55 17.94
CA SER C 36 -17.33 -12.87 18.60
C SER C 36 -17.71 -11.56 17.94
N THR C 37 -17.18 -11.25 16.76
CA THR C 37 -17.56 -10.04 16.05
C THR C 37 -18.67 -10.37 15.04
N PHE C 38 -19.47 -9.35 14.71
CA PHE C 38 -20.62 -9.56 13.83
C PHE C 38 -20.19 -9.61 12.36
N ALA C 39 -20.61 -10.66 11.65
CA ALA C 39 -20.20 -10.84 10.26
C ALA C 39 -21.39 -11.32 9.41
N LEU C 40 -21.18 -11.27 8.10
CA LEU C 40 -22.17 -11.73 7.14
C LEU C 40 -22.11 -13.24 6.95
N PRO C 41 -23.20 -13.85 6.51
CA PRO C 41 -23.11 -15.24 6.03
C PRO C 41 -22.26 -15.31 4.77
N GLY C 42 -21.53 -16.40 4.60
CA GLY C 42 -20.65 -16.51 3.47
C GLY C 42 -19.99 -17.86 3.41
N GLY C 43 -19.17 -18.05 2.39
CA GLY C 43 -18.52 -19.34 2.24
C GLY C 43 -17.35 -19.21 1.31
N HIS C 44 -16.66 -20.32 1.09
CA HIS C 44 -15.52 -20.33 0.18
C HIS C 44 -15.96 -20.77 -1.20
N LEU C 45 -15.48 -20.06 -2.23
CA LEU C 45 -15.84 -20.39 -3.60
C LEU C 45 -15.22 -21.73 -4.00
N GLU C 46 -16.03 -22.61 -4.56
CA GLU C 46 -15.56 -23.92 -5.01
C GLU C 46 -15.16 -23.84 -6.47
N PHE C 47 -14.28 -24.76 -6.87
CA PHE C 47 -13.81 -24.78 -8.25
C PHE C 47 -14.99 -24.92 -9.20
N GLY C 48 -15.05 -24.01 -10.18
CA GLY C 48 -16.08 -23.99 -11.19
C GLY C 48 -17.39 -23.36 -10.77
N GLU C 49 -17.51 -22.92 -9.51
CA GLU C 49 -18.75 -22.34 -9.01
C GLU C 49 -18.84 -20.85 -9.36
N SER C 50 -20.06 -20.38 -9.60
CA SER C 50 -20.27 -18.95 -9.83
C SER C 50 -20.41 -18.22 -8.48
N PHE C 51 -20.23 -16.90 -8.50
CA PHE C 51 -20.43 -16.12 -7.27
C PHE C 51 -21.83 -16.32 -6.72
N GLU C 52 -22.82 -16.28 -7.61
CA GLU C 52 -24.22 -16.39 -7.20
C GLU C 52 -24.53 -17.76 -6.63
N GLU C 53 -24.00 -18.83 -7.26
CA GLU C 53 -24.17 -20.17 -6.71
C GLU C 53 -23.53 -20.29 -5.33
N CYS C 54 -22.33 -19.73 -5.17
CA CYS C 54 -21.65 -19.78 -3.88
C CYS C 54 -22.48 -19.06 -2.82
N ALA C 55 -23.01 -17.88 -3.18
CA ALA C 55 -23.78 -17.10 -2.21
C ALA C 55 -25.00 -17.86 -1.74
N ALA C 56 -25.76 -18.44 -2.68
CA ALA C 56 -26.97 -19.13 -2.29
C ALA C 56 -26.66 -20.41 -1.51
N ARG C 57 -25.58 -21.11 -1.88
CA ARG C 57 -25.22 -22.34 -1.18
C ARG C 57 -24.74 -22.06 0.24
N GLU C 58 -23.83 -21.09 0.39
CA GLU C 58 -23.31 -20.80 1.70
C GLU C 58 -24.40 -20.28 2.63
N VAL C 59 -25.30 -19.42 2.11
CA VAL C 59 -26.41 -18.96 2.92
C VAL C 59 -27.30 -20.13 3.33
N MET C 60 -27.58 -21.04 2.39
CA MET C 60 -28.39 -22.21 2.76
C MET C 60 -27.69 -23.05 3.83
N GLU C 61 -26.38 -23.29 3.68
CA GLU C 61 -25.64 -24.16 4.60
C GLU C 61 -25.60 -23.58 6.00
N GLU C 62 -25.42 -22.26 6.12
CA GLU C 62 -25.21 -21.62 7.41
C GLU C 62 -26.51 -21.23 8.10
N THR C 63 -27.54 -20.87 7.32
CA THR C 63 -28.75 -20.25 7.87
C THR C 63 -30.04 -20.95 7.51
N GLY C 64 -30.04 -21.85 6.52
CA GLY C 64 -31.27 -22.41 6.00
C GLY C 64 -32.10 -21.48 5.15
N LEU C 65 -31.72 -20.22 5.03
CA LEU C 65 -32.50 -19.25 4.27
C LEU C 65 -32.37 -19.50 2.78
N LYS C 66 -33.46 -19.29 2.06
CA LYS C 66 -33.48 -19.36 0.61
C LYS C 66 -33.44 -17.93 0.05
N ILE C 67 -32.46 -17.63 -0.79
CA ILE C 67 -32.27 -16.28 -1.31
C ILE C 67 -32.38 -16.30 -2.83
N GLU C 68 -32.62 -15.13 -3.39
CA GLU C 68 -32.79 -14.96 -4.84
C GLU C 68 -32.31 -13.58 -5.23
N LYS C 69 -32.32 -13.31 -6.54
CA LYS C 69 -31.95 -11.99 -7.10
C LYS C 69 -30.55 -11.57 -6.67
N MET C 70 -29.62 -12.53 -6.68
CA MET C 70 -28.24 -12.25 -6.30
C MET C 70 -27.62 -11.24 -7.27
N LYS C 71 -26.88 -10.28 -6.72
CA LYS C 71 -26.23 -9.27 -7.54
C LYS C 71 -24.85 -8.96 -6.99
N LEU C 72 -23.86 -8.84 -7.88
CA LEU C 72 -22.51 -8.50 -7.45
C LEU C 72 -22.44 -7.07 -6.91
N LEU C 73 -21.80 -6.91 -5.77
CA LEU C 73 -21.60 -5.58 -5.18
C LEU C 73 -20.16 -5.11 -5.39
N THR C 74 -19.20 -5.73 -4.71
CA THR C 74 -17.81 -5.30 -4.80
C THR C 74 -16.90 -6.47 -4.41
N VAL C 75 -15.61 -6.18 -4.31
CA VAL C 75 -14.60 -7.17 -3.92
C VAL C 75 -13.62 -6.46 -3.00
N THR C 76 -13.21 -7.17 -1.94
CA THR C 76 -12.31 -6.59 -0.96
C THR C 76 -11.14 -7.53 -0.72
N ASN C 77 -10.03 -6.97 -0.27
CA ASN C 77 -8.80 -7.72 -0.03
C ASN C 77 -8.54 -7.69 1.47
N ASN C 78 -8.50 -8.87 2.09
CA ASN C 78 -8.49 -8.98 3.55
C ASN C 78 -7.35 -9.92 3.95
N VAL C 79 -6.26 -9.34 4.43
CA VAL C 79 -5.06 -10.08 4.82
C VAL C 79 -5.00 -10.15 6.35
N PHE C 80 -4.82 -11.35 6.87
CA PHE C 80 -4.67 -11.57 8.32
C PHE C 80 -3.30 -12.21 8.54
N LYS C 81 -2.24 -11.39 8.50
CA LYS C 81 -0.90 -11.93 8.62
C LYS C 81 -0.60 -12.44 10.03
N GLU C 82 -1.29 -11.93 11.04
CA GLU C 82 -0.99 -12.22 12.44
C GLU C 82 -1.94 -13.25 13.04
N ALA C 83 -2.78 -13.87 12.23
CA ALA C 83 -3.66 -14.92 12.72
C ALA C 83 -2.83 -16.12 13.16
N PRO C 84 -3.39 -16.98 14.04
CA PRO C 84 -2.74 -18.25 14.35
C PRO C 84 -2.21 -18.94 13.10
N THR C 85 -3.06 -19.03 12.08
CA THR C 85 -2.62 -19.42 10.75
C THR C 85 -2.78 -18.22 9.83
N PRO C 86 -1.70 -17.58 9.38
CA PRO C 86 -1.84 -16.42 8.49
C PRO C 86 -2.70 -16.76 7.28
N SER C 87 -3.65 -15.88 6.99
CA SER C 87 -4.63 -16.10 5.94
C SER C 87 -4.76 -14.83 5.12
N HIS C 88 -5.19 -15.02 3.87
CA HIS C 88 -5.41 -13.91 2.94
C HIS C 88 -6.64 -14.28 2.11
N TYR C 89 -7.71 -13.52 2.26
CA TYR C 89 -8.95 -13.78 1.57
C TYR C 89 -9.28 -12.63 0.63
N VAL C 90 -9.77 -12.97 -0.55
CA VAL C 90 -10.33 -12.02 -1.49
C VAL C 90 -11.82 -12.28 -1.50
N SER C 91 -12.60 -11.31 -1.03
CA SER C 91 -14.00 -11.53 -0.70
C SER C 91 -14.91 -10.80 -1.67
N VAL C 92 -15.75 -11.57 -2.36
CA VAL C 92 -16.73 -11.04 -3.30
C VAL C 92 -18.03 -10.83 -2.53
N SER C 93 -18.53 -9.60 -2.50
N SER C 93 -18.55 -9.61 -2.51
CA SER C 93 -19.79 -9.26 -1.84
CA SER C 93 -19.79 -9.33 -1.80
C SER C 93 -20.94 -9.43 -2.82
C SER C 93 -20.96 -9.36 -2.77
N ILE C 94 -22.02 -10.04 -2.36
CA ILE C 94 -23.20 -10.30 -3.17
C ILE C 94 -24.40 -9.75 -2.40
N ARG C 95 -25.30 -9.07 -3.11
CA ARG C 95 -26.59 -8.66 -2.56
C ARG C 95 -27.65 -9.70 -2.91
N ALA C 96 -28.59 -9.95 -2.00
CA ALA C 96 -29.69 -10.87 -2.28
C ALA C 96 -30.88 -10.53 -1.39
N VAL C 97 -32.02 -11.14 -1.71
CA VAL C 97 -33.23 -10.98 -0.89
C VAL C 97 -33.82 -12.37 -0.62
N LEU C 98 -34.69 -12.43 0.38
CA LEU C 98 -35.37 -13.68 0.70
C LEU C 98 -36.41 -14.02 -0.36
N VAL C 99 -36.46 -15.30 -0.76
CA VAL C 99 -37.56 -15.77 -1.59
C VAL C 99 -38.87 -15.66 -0.82
N ASP C 100 -38.86 -16.05 0.46
CA ASP C 100 -40.02 -15.95 1.35
C ASP C 100 -39.65 -14.95 2.44
N PRO C 101 -40.16 -13.72 2.37
CA PRO C 101 -39.76 -12.69 3.34
C PRO C 101 -40.07 -13.04 4.79
N SER C 102 -40.94 -14.01 5.06
CA SER C 102 -41.25 -14.38 6.43
C SER C 102 -40.28 -15.39 7.00
N GLN C 103 -39.31 -15.87 6.21
CA GLN C 103 -38.48 -16.97 6.65
C GLN C 103 -37.44 -16.48 7.66
N GLU C 104 -37.30 -17.20 8.77
CA GLU C 104 -36.32 -16.80 9.77
C GLU C 104 -35.09 -17.70 9.70
N PRO C 105 -33.92 -17.17 10.02
CA PRO C 105 -32.70 -17.98 10.01
C PRO C 105 -32.67 -19.01 11.13
N LYS C 106 -31.89 -20.06 10.89
CA LYS C 106 -31.52 -21.05 11.90
C LYS C 106 -30.01 -21.07 12.00
N ASN C 107 -29.49 -21.41 13.19
CA ASN C 107 -28.04 -21.52 13.36
C ASN C 107 -27.62 -22.93 12.95
N MET C 108 -27.48 -23.10 11.63
CA MET C 108 -27.27 -24.44 11.07
C MET C 108 -25.85 -24.94 11.29
N GLU C 109 -24.89 -24.03 11.45
CA GLU C 109 -23.49 -24.38 11.67
C GLU C 109 -23.03 -23.71 12.96
N PRO C 110 -23.51 -24.18 14.12
CA PRO C 110 -23.18 -23.50 15.39
C PRO C 110 -21.71 -23.51 15.74
N GLU C 111 -20.90 -24.33 15.08
CA GLU C 111 -19.46 -24.31 15.36
C GLU C 111 -18.78 -23.06 14.80
N LYS C 112 -19.41 -22.38 13.83
CA LYS C 112 -18.86 -21.18 13.21
C LYS C 112 -19.54 -19.90 13.63
N CYS C 113 -20.72 -19.97 14.25
CA CYS C 113 -21.50 -18.76 14.50
C CYS C 113 -22.35 -18.95 15.74
N GLU C 114 -22.51 -17.87 16.51
CA GLU C 114 -23.40 -17.91 17.68
C GLU C 114 -24.87 -17.90 17.30
N GLY C 115 -25.20 -17.43 16.11
CA GLY C 115 -26.58 -17.31 15.68
C GLY C 115 -26.76 -16.09 14.80
N TRP C 116 -27.80 -16.13 13.96
CA TRP C 116 -28.08 -15.08 12.98
C TRP C 116 -29.27 -14.24 13.42
N ASP C 117 -29.19 -12.93 13.16
CA ASP C 117 -30.29 -12.02 13.46
C ASP C 117 -30.31 -10.90 12.44
N TRP C 118 -31.45 -10.22 12.38
CA TRP C 118 -31.60 -9.07 11.48
C TRP C 118 -31.24 -7.81 12.24
N TYR C 119 -30.42 -6.97 11.63
CA TYR C 119 -30.03 -5.69 12.24
C TYR C 119 -30.31 -4.54 11.26
N ASP C 120 -30.90 -3.48 11.79
CA ASP C 120 -31.24 -2.33 10.96
C ASP C 120 -29.98 -1.59 10.51
N TRP C 121 -30.00 -1.13 9.25
CA TRP C 121 -28.85 -0.43 8.67
C TRP C 121 -28.41 0.74 9.53
N GLU C 122 -29.37 1.43 10.15
CA GLU C 122 -29.05 2.60 10.96
C GLU C 122 -28.82 2.29 12.43
N ASN C 123 -28.88 1.02 12.83
CA ASN C 123 -28.59 0.60 14.20
C ASN C 123 -27.79 -0.70 14.17
N LEU C 124 -26.68 -0.69 13.45
CA LEU C 124 -25.86 -1.89 13.36
C LEU C 124 -25.20 -2.19 14.70
N PRO C 125 -25.02 -3.46 15.03
CA PRO C 125 -24.40 -3.83 16.30
C PRO C 125 -22.89 -3.64 16.25
N LYS C 126 -22.28 -3.72 17.44
CA LYS C 126 -20.83 -3.66 17.58
C LYS C 126 -20.37 -4.77 18.50
N PRO C 127 -19.15 -5.28 18.30
CA PRO C 127 -18.20 -4.90 17.25
C PRO C 127 -18.45 -5.64 15.94
N LEU C 128 -18.35 -4.90 14.83
CA LEU C 128 -18.38 -5.54 13.52
C LEU C 128 -17.04 -6.21 13.23
N PHE C 129 -17.10 -7.36 12.55
CA PHE C 129 -15.91 -7.98 11.98
C PHE C 129 -15.12 -6.95 11.20
N TRP C 130 -13.80 -6.91 11.42
CA TRP C 130 -13.00 -5.81 10.88
C TRP C 130 -13.16 -5.62 9.37
N PRO C 131 -13.10 -6.66 8.52
CA PRO C 131 -13.34 -6.42 7.08
C PRO C 131 -14.65 -5.70 6.80
N LEU C 132 -15.69 -6.00 7.57
CA LEU C 132 -16.98 -5.33 7.38
C LEU C 132 -16.92 -3.87 7.84
N GLU C 133 -16.31 -3.63 9.00
CA GLU C 133 -16.16 -2.26 9.49
C GLU C 133 -15.35 -1.41 8.51
N LYS C 134 -14.28 -1.98 7.95
CA LYS C 134 -13.46 -1.27 6.97
C LYS C 134 -14.26 -0.94 5.72
N LEU C 135 -15.00 -1.91 5.20
CA LEU C 135 -15.80 -1.66 4.01
C LEU C 135 -16.83 -0.56 4.25
N PHE C 136 -17.58 -0.64 5.36
CA PHE C 136 -18.56 0.40 5.66
C PHE C 136 -17.89 1.76 5.85
N GLY C 137 -16.69 1.77 6.42
CA GLY C 137 -15.98 3.01 6.61
C GLY C 137 -15.71 3.77 5.33
N SER C 138 -15.65 3.06 4.21
CA SER C 138 -15.43 3.68 2.91
C SER C 138 -16.68 4.35 2.36
N GLY C 139 -17.82 4.23 3.05
CA GLY C 139 -19.09 4.71 2.55
C GLY C 139 -19.92 3.67 1.85
N PHE C 140 -19.44 2.43 1.75
CA PHE C 140 -20.18 1.38 1.07
C PHE C 140 -21.53 1.15 1.72
N ASN C 141 -22.56 1.05 0.88
CA ASN C 141 -23.94 0.80 1.31
C ASN C 141 -24.52 -0.28 0.42
N PRO C 142 -24.84 -1.48 0.95
CA PRO C 142 -25.33 -2.56 0.07
C PRO C 142 -26.70 -2.31 -0.52
N PHE C 143 -27.51 -1.42 0.07
CA PHE C 143 -28.85 -1.17 -0.43
C PHE C 143 -28.85 -0.32 -1.70
N THR C 144 -27.89 0.59 -1.80
CA THR C 144 -27.89 1.57 -2.87
C THR C 144 -26.70 1.43 -3.82
N HIS C 145 -25.75 0.55 -3.52
CA HIS C 145 -24.56 0.39 -4.34
C HIS C 145 -24.93 -0.07 -5.75
N GLY C 146 -24.27 0.50 -6.75
CA GLY C 146 -24.50 0.14 -8.13
C GLY C 146 -25.83 0.65 -8.66
N ALA D 8 -8.27 -28.85 -7.34
CA ALA D 8 -8.06 -27.51 -7.88
C ALA D 8 -8.92 -26.50 -7.14
N ILE D 9 -8.44 -25.26 -7.05
CA ILE D 9 -9.08 -24.22 -6.26
C ILE D 9 -9.08 -22.92 -7.07
N PRO D 10 -10.10 -22.06 -6.93
CA PRO D 10 -10.05 -20.75 -7.59
C PRO D 10 -8.83 -19.95 -7.14
N ARG D 11 -8.20 -19.26 -8.10
CA ARG D 11 -7.02 -18.45 -7.83
C ARG D 11 -7.29 -17.01 -8.26
N VAL D 12 -6.66 -16.05 -7.57
CA VAL D 12 -6.92 -14.64 -7.82
C VAL D 12 -5.90 -14.08 -8.80
N ALA D 13 -6.39 -13.43 -9.84
CA ALA D 13 -5.55 -12.62 -10.72
C ALA D 13 -5.98 -11.17 -10.62
N VAL D 14 -5.08 -10.29 -11.03
CA VAL D 14 -5.38 -8.87 -11.19
C VAL D 14 -5.11 -8.54 -12.66
N VAL D 15 -6.03 -7.82 -13.28
CA VAL D 15 -5.82 -7.36 -14.66
C VAL D 15 -5.95 -5.85 -14.69
N VAL D 16 -5.17 -5.20 -15.54
CA VAL D 16 -5.03 -3.75 -15.49
C VAL D 16 -5.42 -3.11 -16.81
N PHE D 17 -6.37 -2.16 -16.74
CA PHE D 17 -6.75 -1.28 -17.83
C PHE D 17 -5.91 -0.02 -17.68
N ILE D 18 -4.84 0.09 -18.47
CA ILE D 18 -4.00 1.27 -18.43
C ILE D 18 -4.59 2.25 -19.43
N LEU D 19 -5.14 3.35 -18.93
CA LEU D 19 -5.83 4.32 -19.76
C LEU D 19 -4.86 5.39 -20.21
N ASN D 20 -4.80 5.63 -21.51
CA ASN D 20 -3.89 6.62 -22.08
C ASN D 20 -4.68 7.34 -23.17
N GLY D 21 -5.15 8.55 -22.87
CA GLY D 21 -6.03 9.21 -23.83
C GLY D 21 -7.30 8.42 -23.95
N ASN D 22 -7.65 8.04 -25.18
CA ASN D 22 -8.82 7.20 -25.43
C ASN D 22 -8.44 5.74 -25.64
N SER D 23 -7.25 5.33 -25.20
CA SER D 23 -6.71 4.02 -25.52
C SER D 23 -6.45 3.19 -24.27
N ILE D 24 -6.40 1.87 -24.46
CA ILE D 24 -5.97 0.92 -23.44
C ILE D 24 -4.86 0.07 -24.03
N LEU D 25 -4.01 -0.47 -23.16
CA LEU D 25 -2.91 -1.33 -23.59
C LEU D 25 -3.39 -2.77 -23.72
N LEU D 26 -3.09 -3.40 -24.88
CA LEU D 26 -3.40 -4.81 -25.08
C LEU D 26 -2.26 -5.49 -25.81
N GLY D 27 -2.15 -6.80 -25.63
CA GLY D 27 -1.15 -7.57 -26.34
C GLY D 27 -1.65 -8.99 -26.56
N ARG D 28 -1.26 -9.57 -27.68
CA ARG D 28 -1.71 -10.93 -28.01
C ARG D 28 -1.00 -11.93 -27.11
N ARG D 29 -1.77 -12.82 -26.51
CA ARG D 29 -1.23 -13.83 -25.60
C ARG D 29 -0.48 -14.91 -26.37
N ARG D 30 0.63 -15.35 -25.79
CA ARG D 30 1.29 -16.60 -26.16
C ARG D 30 1.10 -17.52 -24.96
N SER D 31 0.15 -18.46 -25.06
CA SER D 31 -0.36 -19.16 -23.89
C SER D 31 -1.20 -20.35 -24.34
N SER D 32 -1.35 -21.32 -23.45
CA SER D 32 -2.27 -22.43 -23.71
C SER D 32 -3.73 -22.04 -23.48
N ILE D 33 -4.00 -20.90 -22.85
CA ILE D 33 -5.34 -20.38 -22.67
C ILE D 33 -5.45 -19.08 -23.46
N GLY D 34 -6.42 -19.00 -24.36
CA GLY D 34 -6.61 -17.80 -25.17
C GLY D 34 -5.46 -17.44 -26.06
N ASN D 35 -4.77 -18.44 -26.65
CA ASN D 35 -3.60 -18.15 -27.45
C ASN D 35 -3.96 -17.23 -28.61
N SER D 36 -3.12 -16.22 -28.83
CA SER D 36 -3.18 -15.25 -29.91
C SER D 36 -4.30 -14.24 -29.75
N THR D 37 -5.00 -14.22 -28.62
CA THR D 37 -6.06 -13.24 -28.42
C THR D 37 -5.53 -12.02 -27.68
N PHE D 38 -6.16 -10.87 -27.94
CA PHE D 38 -5.71 -9.62 -27.35
C PHE D 38 -6.17 -9.51 -25.89
N ALA D 39 -5.24 -9.25 -24.98
CA ALA D 39 -5.55 -9.28 -23.55
C ALA D 39 -4.81 -8.17 -22.82
N LEU D 40 -5.25 -7.92 -21.57
CA LEU D 40 -4.68 -6.93 -20.67
C LEU D 40 -3.42 -7.44 -19.98
N PRO D 41 -2.51 -6.53 -19.62
CA PRO D 41 -1.46 -6.92 -18.69
C PRO D 41 -2.07 -7.30 -17.35
N GLY D 42 -1.44 -8.24 -16.67
CA GLY D 42 -1.92 -8.64 -15.36
C GLY D 42 -1.00 -9.66 -14.73
N GLY D 43 -1.43 -10.15 -13.57
CA GLY D 43 -0.64 -11.15 -12.89
C GLY D 43 -1.46 -11.82 -11.80
N HIS D 44 -0.78 -12.70 -11.06
CA HIS D 44 -1.39 -13.47 -9.98
C HIS D 44 -1.16 -12.73 -8.66
N LEU D 45 -2.20 -12.63 -7.85
CA LEU D 45 -2.06 -11.99 -6.54
C LEU D 45 -1.21 -12.85 -5.60
N GLU D 46 -0.20 -12.23 -5.00
CA GLU D 46 0.66 -12.92 -4.04
C GLU D 46 0.13 -12.74 -2.61
N PHE D 47 0.45 -13.71 -1.75
CA PHE D 47 0.02 -13.63 -0.35
C PHE D 47 0.49 -12.33 0.27
N GLY D 48 -0.45 -11.59 0.87
CA GLY D 48 -0.17 -10.33 1.55
C GLY D 48 -0.25 -9.11 0.68
N GLU D 49 -0.38 -9.28 -0.63
CA GLU D 49 -0.33 -8.16 -1.57
C GLU D 49 -1.71 -7.51 -1.68
N SER D 50 -1.72 -6.19 -1.78
CA SER D 50 -2.93 -5.45 -2.13
C SER D 50 -3.20 -5.59 -3.63
N PHE D 51 -4.45 -5.28 -4.03
CA PHE D 51 -4.76 -5.31 -5.46
C PHE D 51 -3.88 -4.33 -6.23
N GLU D 52 -3.67 -3.15 -5.65
CA GLU D 52 -2.88 -2.10 -6.30
C GLU D 52 -1.41 -2.49 -6.39
N GLU D 53 -0.86 -3.10 -5.34
CA GLU D 53 0.53 -3.55 -5.40
C GLU D 53 0.72 -4.58 -6.51
N CYS D 54 -0.22 -5.51 -6.61
CA CYS D 54 -0.15 -6.53 -7.66
C CYS D 54 -0.27 -5.90 -9.05
N ALA D 55 -1.22 -4.97 -9.22
CA ALA D 55 -1.38 -4.33 -10.52
C ALA D 55 -0.09 -3.63 -10.95
N ALA D 56 0.51 -2.86 -10.04
CA ALA D 56 1.74 -2.15 -10.38
C ALA D 56 2.87 -3.12 -10.67
N ARG D 57 2.99 -4.17 -9.86
CA ARG D 57 4.07 -5.14 -10.05
C ARG D 57 3.91 -5.88 -11.38
N GLU D 58 2.69 -6.36 -11.65
CA GLU D 58 2.48 -7.15 -12.87
C GLU D 58 2.72 -6.32 -14.11
N VAL D 59 2.25 -5.07 -14.13
CA VAL D 59 2.45 -4.22 -15.29
C VAL D 59 3.93 -3.95 -15.49
N MET D 60 4.66 -3.71 -14.39
CA MET D 60 6.11 -3.52 -14.53
C MET D 60 6.77 -4.78 -15.07
N GLU D 61 6.42 -5.94 -14.51
CA GLU D 61 7.06 -7.19 -14.94
C GLU D 61 6.82 -7.45 -16.42
N GLU D 62 5.62 -7.16 -16.91
CA GLU D 62 5.27 -7.53 -18.28
C GLU D 62 5.60 -6.44 -19.28
N THR D 63 5.51 -5.17 -18.89
CA THR D 63 5.62 -4.07 -19.84
C THR D 63 6.70 -3.05 -19.52
N GLY D 64 7.24 -3.05 -18.31
CA GLY D 64 8.16 -2.02 -17.89
C GLY D 64 7.52 -0.70 -17.54
N LEU D 65 6.22 -0.57 -17.71
CA LEU D 65 5.54 0.71 -17.48
C LEU D 65 5.31 0.97 -16.00
N LYS D 66 5.50 2.22 -15.61
CA LYS D 66 5.17 2.71 -14.28
C LYS D 66 3.79 3.33 -14.31
N ILE D 67 2.92 2.87 -13.42
CA ILE D 67 1.53 3.32 -13.39
C ILE D 67 1.20 3.90 -12.01
N GLU D 68 0.09 4.66 -11.98
CA GLU D 68 -0.35 5.34 -10.78
C GLU D 68 -1.85 5.57 -10.85
N LYS D 69 -2.40 6.13 -9.76
CA LYS D 69 -3.83 6.47 -9.66
C LYS D 69 -4.71 5.24 -9.88
N MET D 70 -4.33 4.15 -9.25
CA MET D 70 -5.01 2.89 -9.46
C MET D 70 -6.33 2.85 -8.72
N LYS D 71 -7.34 2.31 -9.38
CA LYS D 71 -8.69 2.28 -8.81
C LYS D 71 -9.33 0.93 -9.12
N LEU D 72 -10.04 0.38 -8.14
CA LEU D 72 -10.78 -0.86 -8.36
C LEU D 72 -11.94 -0.63 -9.32
N LEU D 73 -12.06 -1.47 -10.34
CA LEU D 73 -13.19 -1.38 -11.25
C LEU D 73 -14.25 -2.44 -10.94
N THR D 74 -13.93 -3.72 -11.11
CA THR D 74 -14.90 -4.78 -10.92
C THR D 74 -14.16 -6.09 -10.68
N VAL D 75 -14.92 -7.19 -10.58
CA VAL D 75 -14.36 -8.53 -10.40
C VAL D 75 -15.15 -9.49 -11.26
N THR D 76 -14.45 -10.42 -11.92
CA THR D 76 -15.10 -11.38 -12.79
C THR D 76 -14.71 -12.81 -12.40
N ASN D 77 -15.58 -13.74 -12.78
CA ASN D 77 -15.41 -15.16 -12.52
C ASN D 77 -15.08 -15.82 -13.85
N ASN D 78 -13.88 -16.37 -13.96
CA ASN D 78 -13.34 -16.86 -15.23
C ASN D 78 -12.93 -18.32 -15.07
N VAL D 79 -13.80 -19.23 -15.46
CA VAL D 79 -13.55 -20.66 -15.37
C VAL D 79 -13.10 -21.17 -16.74
N PHE D 80 -12.04 -21.96 -16.76
CA PHE D 80 -11.51 -22.57 -17.98
C PHE D 80 -11.56 -24.08 -17.80
N LYS D 81 -12.76 -24.67 -17.95
CA LYS D 81 -12.89 -26.11 -17.81
C LYS D 81 -12.21 -26.84 -18.95
N GLU D 82 -12.38 -26.32 -20.17
CA GLU D 82 -11.79 -26.89 -21.38
C GLU D 82 -10.27 -26.77 -21.42
N ALA D 83 -9.65 -26.12 -20.43
CA ALA D 83 -8.21 -25.91 -20.44
C ALA D 83 -7.46 -27.24 -20.38
N PRO D 84 -6.18 -27.24 -20.80
CA PRO D 84 -5.38 -28.46 -20.62
C PRO D 84 -5.26 -28.87 -19.17
N THR D 85 -4.93 -27.93 -18.29
CA THR D 85 -5.14 -28.08 -16.86
C THR D 85 -6.30 -27.17 -16.49
N PRO D 86 -7.49 -27.70 -16.23
CA PRO D 86 -8.64 -26.85 -15.91
C PRO D 86 -8.28 -25.84 -14.82
N SER D 87 -8.56 -24.57 -15.11
CA SER D 87 -8.21 -23.47 -14.22
C SER D 87 -9.47 -22.68 -13.89
N HIS D 88 -9.44 -22.03 -12.73
CA HIS D 88 -10.52 -21.15 -12.32
C HIS D 88 -9.88 -19.92 -11.72
N TYR D 89 -10.10 -18.77 -12.36
CA TYR D 89 -9.54 -17.50 -11.92
C TYR D 89 -10.66 -16.56 -11.51
N VAL D 90 -10.44 -15.87 -10.40
CA VAL D 90 -11.25 -14.73 -10.02
C VAL D 90 -10.41 -13.50 -10.26
N SER D 91 -10.85 -12.64 -11.19
CA SER D 91 -10.00 -11.61 -11.77
C SER D 91 -10.46 -10.25 -11.32
N VAL D 92 -9.58 -9.53 -10.64
CA VAL D 92 -9.86 -8.17 -10.17
C VAL D 92 -9.37 -7.18 -11.21
N SER D 93 -10.28 -6.35 -11.72
CA SER D 93 -9.93 -5.34 -12.72
C SER D 93 -9.57 -4.02 -12.03
N ILE D 94 -8.44 -3.44 -12.44
CA ILE D 94 -7.90 -2.22 -11.87
C ILE D 94 -7.69 -1.23 -13.00
N ARG D 95 -8.09 0.02 -12.79
CA ARG D 95 -7.81 1.12 -13.71
C ARG D 95 -6.54 1.83 -13.27
N ALA D 96 -5.72 2.25 -14.22
CA ALA D 96 -4.52 3.01 -13.87
C ALA D 96 -4.11 3.89 -15.05
N VAL D 97 -3.20 4.83 -14.77
CA VAL D 97 -2.64 5.71 -15.79
C VAL D 97 -1.12 5.68 -15.67
N LEU D 98 -0.45 6.17 -16.71
CA LEU D 98 1.01 6.22 -16.70
C LEU D 98 1.52 7.39 -15.86
N VAL D 99 2.58 7.12 -15.10
CA VAL D 99 3.30 8.21 -14.44
C VAL D 99 3.86 9.17 -15.47
N ASP D 100 4.49 8.63 -16.50
CA ASP D 100 5.05 9.39 -17.61
C ASP D 100 4.29 9.00 -18.86
N PRO D 101 3.36 9.85 -19.35
CA PRO D 101 2.53 9.46 -20.49
C PRO D 101 3.32 9.22 -21.77
N SER D 102 4.59 9.60 -21.82
CA SER D 102 5.43 9.36 -22.98
C SER D 102 6.16 8.02 -22.93
N GLN D 103 6.07 7.29 -21.82
CA GLN D 103 6.82 6.05 -21.70
C GLN D 103 6.26 5.01 -22.67
N GLU D 104 7.18 4.35 -23.43
CA GLU D 104 6.91 3.29 -24.40
C GLU D 104 6.85 1.93 -23.69
N PRO D 105 5.86 1.10 -23.98
CA PRO D 105 5.88 -0.26 -23.44
C PRO D 105 7.02 -1.08 -24.03
N LYS D 106 7.53 -2.01 -23.24
CA LYS D 106 8.43 -3.04 -23.73
C LYS D 106 7.78 -4.40 -23.59
N ASN D 107 8.22 -5.34 -24.43
CA ASN D 107 7.73 -6.72 -24.34
C ASN D 107 8.68 -7.48 -23.40
N MET D 108 8.46 -7.29 -22.09
CA MET D 108 9.44 -7.78 -21.13
C MET D 108 9.38 -9.29 -20.92
N GLU D 109 8.26 -9.92 -21.25
CA GLU D 109 8.12 -11.37 -21.16
C GLU D 109 7.69 -11.87 -22.54
N PRO D 110 8.62 -11.89 -23.50
CA PRO D 110 8.24 -12.14 -24.90
C PRO D 110 7.85 -13.57 -25.19
N GLU D 111 8.05 -14.49 -24.25
CA GLU D 111 7.54 -15.85 -24.39
C GLU D 111 6.05 -15.93 -24.06
N LYS D 112 5.49 -14.91 -23.41
CA LYS D 112 4.10 -14.91 -23.00
C LYS D 112 3.23 -13.91 -23.77
N CYS D 113 3.84 -13.04 -24.56
CA CYS D 113 3.10 -11.97 -25.23
C CYS D 113 3.82 -11.63 -26.53
N GLU D 114 3.04 -11.41 -27.60
CA GLU D 114 3.63 -11.04 -28.88
C GLU D 114 4.08 -9.59 -28.92
N GLY D 115 3.58 -8.75 -28.02
CA GLY D 115 3.94 -7.35 -27.94
C GLY D 115 2.75 -6.55 -27.47
N TRP D 116 3.02 -5.41 -26.83
CA TRP D 116 1.99 -4.52 -26.32
C TRP D 116 1.80 -3.34 -27.27
N ASP D 117 0.54 -2.96 -27.49
CA ASP D 117 0.24 -1.74 -28.22
C ASP D 117 -0.96 -1.04 -27.58
N TRP D 118 -1.12 0.23 -27.92
CA TRP D 118 -2.27 1.01 -27.49
C TRP D 118 -3.40 0.86 -28.50
N TYR D 119 -4.62 0.64 -28.01
CA TYR D 119 -5.78 0.49 -28.87
C TYR D 119 -6.87 1.45 -28.44
N ASP D 120 -7.43 2.16 -29.42
CA ASP D 120 -8.49 3.12 -29.14
C ASP D 120 -9.78 2.41 -28.72
N TRP D 121 -10.48 3.00 -27.74
CA TRP D 121 -11.73 2.44 -27.25
C TRP D 121 -12.73 2.22 -28.39
N GLU D 122 -12.72 3.12 -29.37
CA GLU D 122 -13.64 3.02 -30.50
C GLU D 122 -13.06 2.22 -31.66
N ASN D 123 -11.90 1.60 -31.49
CA ASN D 123 -11.36 0.74 -32.55
C ASN D 123 -10.60 -0.43 -31.91
N LEU D 124 -11.27 -1.18 -31.05
CA LEU D 124 -10.59 -2.28 -30.37
C LEU D 124 -10.29 -3.43 -31.33
N PRO D 125 -9.21 -4.17 -31.07
CA PRO D 125 -8.81 -5.26 -31.98
C PRO D 125 -9.62 -6.52 -31.74
N LYS D 126 -9.49 -7.45 -32.69
CA LYS D 126 -10.12 -8.75 -32.60
C LYS D 126 -9.11 -9.80 -33.02
N PRO D 127 -9.16 -11.01 -32.43
CA PRO D 127 -10.08 -11.45 -31.38
C PRO D 127 -9.65 -11.04 -29.98
N LEU D 128 -10.57 -10.47 -29.20
CA LEU D 128 -10.27 -10.24 -27.79
C LEU D 128 -10.26 -11.55 -27.02
N PHE D 129 -9.38 -11.62 -26.02
CA PHE D 129 -9.43 -12.69 -25.04
C PHE D 129 -10.84 -12.81 -24.47
N TRP D 130 -11.42 -14.03 -24.52
CA TRP D 130 -12.84 -14.19 -24.21
C TRP D 130 -13.24 -13.54 -22.89
N PRO D 131 -12.52 -13.72 -21.78
CA PRO D 131 -12.93 -13.04 -20.53
C PRO D 131 -13.09 -11.55 -20.72
N LEU D 132 -12.23 -10.94 -21.54
CA LEU D 132 -12.33 -9.51 -21.79
C LEU D 132 -13.50 -9.20 -22.72
N GLU D 133 -13.66 -10.01 -23.78
CA GLU D 133 -14.77 -9.81 -24.70
C GLU D 133 -16.11 -9.91 -23.96
N LYS D 134 -16.24 -10.93 -23.13
CA LYS D 134 -17.48 -11.16 -22.38
C LYS D 134 -17.77 -9.99 -21.43
N LEU D 135 -16.73 -9.48 -20.76
CA LEU D 135 -16.92 -8.35 -19.87
C LEU D 135 -17.39 -7.12 -20.64
N PHE D 136 -16.73 -6.80 -21.76
CA PHE D 136 -17.18 -5.68 -22.58
C PHE D 136 -18.61 -5.91 -23.08
N GLY D 137 -18.96 -7.17 -23.34
CA GLY D 137 -20.30 -7.47 -23.85
C GLY D 137 -21.41 -7.13 -22.88
N SER D 138 -21.10 -7.13 -21.58
CA SER D 138 -22.03 -6.70 -20.55
C SER D 138 -22.20 -5.18 -20.49
N GLY D 139 -21.43 -4.44 -21.28
CA GLY D 139 -21.48 -3.00 -21.27
C GLY D 139 -20.41 -2.35 -20.41
N PHE D 140 -19.57 -3.13 -19.75
CA PHE D 140 -18.50 -2.56 -18.95
C PHE D 140 -17.61 -1.64 -19.77
N ASN D 141 -17.27 -0.49 -19.19
CA ASN D 141 -16.43 0.51 -19.84
C ASN D 141 -15.42 0.99 -18.79
N PRO D 142 -14.11 0.78 -18.99
CA PRO D 142 -13.15 1.11 -17.93
C PRO D 142 -12.92 2.60 -17.78
N PHE D 143 -13.33 3.41 -18.76
CA PHE D 143 -13.12 4.85 -18.68
C PHE D 143 -14.14 5.53 -17.81
N THR D 144 -15.35 4.98 -17.76
CA THR D 144 -16.47 5.66 -17.13
C THR D 144 -16.93 4.98 -15.86
N HIS D 145 -16.54 3.72 -15.66
CA HIS D 145 -16.85 2.96 -14.47
C HIS D 145 -16.29 3.64 -13.22
C1 GOL E . 6.65 -0.45 35.93
O1 GOL E . 6.54 -1.56 35.06
C2 GOL E . 8.09 0.03 35.92
O2 GOL E . 8.50 0.20 34.58
C3 GOL E . 8.17 1.36 36.65
O3 GOL E . 9.49 1.86 36.59
C1 GPP F . 13.84 3.75 19.22
C1 GPP F . 13.71 3.85 19.22
O1 GPP F . 12.69 3.22 19.79
O1 GPP F . 12.67 3.22 19.87
C2 GPP F . 13.70 5.28 19.15
C2 GPP F . 13.44 5.36 19.24
C3 GPP F . 13.04 5.83 18.16
C3 GPP F . 12.78 5.93 18.25
C4 GPP F . 12.43 4.95 17.09
C4 GPP F . 12.33 5.08 17.06
C5 GPP F . 12.89 7.36 18.07
C5 GPP F . 12.51 7.44 18.29
C6 GPP F . 11.44 7.79 17.81
C6 GPP F . 11.04 7.86 18.49
C7 GPP F . 11.45 9.21 17.21
C7 GPP F . 10.19 6.73 19.08
C8 GPP F . 10.59 10.15 17.55
C8 GPP F . 9.05 6.92 19.72
C9 GPP F . 10.72 11.52 16.87
C9 GPP F . 8.32 5.69 20.24
C10 GPP F . 9.49 9.91 18.57
C10 GPP F . 8.45 8.31 19.97
PA GPP F . 12.55 1.57 19.88
PA GPP F . 12.59 1.57 19.87
O1A GPP F . 11.70 1.17 21.06
O1A GPP F . 11.75 1.10 21.03
O2A GPP F . 11.94 1.06 18.60
O2A GPP F . 11.98 1.10 18.57
O3A GPP F . 14.08 0.98 20.03
O3A GPP F . 14.12 0.98 20.02
PB GPP F . 14.53 -0.22 21.07
PB GPP F . 14.56 -0.22 21.07
O1B GPP F . 14.65 0.35 22.47
O1B GPP F . 14.66 0.36 22.46
O2B GPP F . 15.88 -0.75 20.64
O2B GPP F . 15.90 -0.78 20.65
O3B GPP F . 13.51 -1.33 21.05
O3B GPP F . 13.51 -1.32 21.05
C1 GPP G . 19.93 4.18 -3.91
C1 GPP G . 20.03 3.55 -4.37
O1 GPP G . 20.99 4.33 -4.81
O1 GPP G . 21.08 4.41 -4.74
C2 GPP G . 19.38 5.57 -3.64
C2 GPP G . 18.71 4.27 -4.64
C3 GPP G . 18.09 5.82 -3.69
C3 GPP G . 18.28 5.22 -3.83
C4 GPP G . 17.12 4.69 -3.99
C4 GPP G . 19.11 5.61 -2.62
C5 GPP G . 17.56 7.23 -3.44
C5 GPP G . 16.95 5.90 -4.14
C6 GPP G . 17.40 7.99 -4.76
C6 GPP G . 16.92 7.30 -3.53
C7 GPP G . 18.80 8.26 -5.30
C7 GPP G . 17.03 8.38 -4.60
C8 GPP G . 19.15 9.19 -6.16
C8 GPP G . 16.10 9.28 -4.78
C9 GPP G . 20.61 9.25 -6.56
C9 GPP G . 16.29 10.34 -5.85
C10 GPP G . 18.15 10.18 -6.79
C10 GPP G . 14.84 9.27 -3.93
PA GPP G . 22.50 3.90 -4.36
PA GPP G . 22.60 3.94 -4.35
O1A GPP G . 22.93 4.69 -3.15
O1A GPP G . 23.11 4.70 -3.15
O2A GPP G . 23.45 4.14 -5.51
O2A GPP G . 23.51 4.18 -5.54
O3A GPP G . 22.47 2.29 -3.96
O3A GPP G . 22.55 2.34 -3.96
PB GPP G . 23.26 1.09 -4.77
PB GPP G . 23.29 1.12 -4.79
O1B GPP G . 23.38 -0.11 -3.87
O1B GPP G . 23.40 -0.09 -3.87
O2B GPP G . 22.47 0.72 -6.01
O2B GPP G . 22.47 0.75 -6.00
O3B GPP G . 24.63 1.57 -5.17
O3B GPP G . 24.67 1.56 -5.21
C1 GOL H . -19.56 -18.10 22.47
O1 GOL H . -19.76 -19.40 21.94
C2 GOL H . -18.09 -17.88 22.80
O2 GOL H . -17.41 -17.67 21.57
C3 GOL H . -17.92 -16.62 23.68
O3 GOL H . -17.55 -16.95 25.02
C1 GPP I . -13.75 -15.22 5.36
C1 GPP I . -13.35 -15.08 5.53
O1 GPP I . -13.87 -15.63 6.69
O1 GPP I . -13.78 -15.56 6.77
C2 GPP I . -14.21 -13.76 5.26
C2 GPP I . -14.10 -13.78 5.22
C3 GPP I . -13.33 -12.80 5.39
C3 GPP I . -13.50 -12.61 5.23
C4 GPP I . -11.87 -13.14 5.64
C4 GPP I . -12.00 -12.61 5.51
C5 GPP I . -13.74 -11.32 5.31
C5 GPP I . -14.16 -11.24 4.92
C6 GPP I . -14.85 -11.14 4.28
C6 GPP I . -15.64 -10.91 5.27
C7 GPP I . -16.06 -10.47 4.92
C7 GPP I . -16.47 -12.03 5.88
C8 GPP I . -16.37 -9.23 4.63
C8 GPP I . -17.60 -11.89 6.54
C9 GPP I . -17.57 -8.60 5.30
C9 GPP I . -18.26 -10.55 6.83
C10 GPP I . -15.54 -8.42 3.63
C10 GPP I . -18.22 -13.18 7.04
PA GPP I . -13.92 -17.25 7.01
PA GPP I . -13.89 -17.19 6.99
O1A GPP I . -14.55 -17.49 8.36
O1A GPP I . -14.57 -17.48 8.32
O2A GPP I . -14.74 -17.95 5.94
O2A GPP I . -14.70 -17.80 5.87
O3A GPP I . -12.38 -17.85 7.01
O3A GPP I . -12.38 -17.83 6.99
PB GPP I . -11.69 -18.62 8.28
PB GPP I . -11.69 -18.62 8.27
O1B GPP I . -11.54 -17.66 9.44
O1B GPP I . -11.53 -17.65 9.42
O2B GPP I . -12.56 -19.79 8.71
O2B GPP I . -12.56 -19.77 8.69
O3B GPP I . -10.33 -19.13 7.86
O3B GPP I . -10.33 -19.13 7.85
C1 GPP J . -5.86 -15.94 -17.06
C1 GPP J . -5.82 -16.09 -17.04
O1 GPP J . -4.71 -15.20 -17.38
O1 GPP J . -4.73 -15.26 -17.34
C2 GPP J . -7.10 -15.17 -17.47
C2 GPP J . -7.12 -15.39 -17.44
C3 GPP J . -7.61 -14.24 -16.70
C3 GPP J . -7.68 -14.53 -16.62
C4 GPP J . -6.95 -13.94 -15.35
C4 GPP J . -7.04 -14.22 -15.27
C5 GPP J . -8.87 -13.49 -17.13
C5 GPP J . -8.98 -13.83 -17.04
C6 GPP J . -8.58 -12.08 -17.69
C6 GPP J . -8.98 -12.38 -16.56
C7 GPP J . -7.13 -11.88 -18.11
C7 GPP J . -8.92 -11.37 -17.69
C8 GPP J . -6.78 -10.97 -18.99
C8 GPP J . -9.89 -10.51 -17.88
C9 GPP J . -7.81 -10.06 -19.67
C9 GPP J . -9.79 -9.50 -19.02
C10 GPP J . -5.31 -10.82 -19.35
C10 GPP J . -11.12 -10.51 -16.98
PA GPP J . -3.26 -15.90 -17.06
PA GPP J . -3.23 -15.90 -17.06
O1A GPP J . -2.75 -15.43 -15.71
O1A GPP J . -2.70 -15.40 -15.74
O2A GPP J . -2.27 -15.54 -18.14
O2A GPP J . -2.29 -15.49 -18.18
O3A GPP J . -3.49 -17.54 -17.02
O3A GPP J . -3.44 -17.54 -17.01
PB GPP J . -2.31 -18.68 -17.02
PB GPP J . -2.26 -18.69 -17.03
O1B GPP J . -2.74 -19.84 -16.14
O1B GPP J . -2.74 -19.84 -16.16
O2B GPP J . -1.01 -18.09 -16.49
O2B GPP J . -0.97 -18.14 -16.49
O3B GPP J . -2.09 -19.18 -18.43
O3B GPP J . -2.07 -19.20 -18.44
#